data_5ZWH
#
_entry.id   5ZWH
#
_cell.length_a   154.300
_cell.length_b   42.520
_cell.length_c   41.960
_cell.angle_alpha   90.00
_cell.angle_beta   95.72
_cell.angle_gamma   90.00
#
_symmetry.space_group_name_H-M   'C 1 2 1'
#
loop_
_entity.id
_entity.type
_entity.pdbx_description
1 polymer 'Vitamin D3 receptor'
2 polymer '13-meric peptide from DRIP205 NR2 BOX peptide'
3 non-polymer (2S)-2-[(1R,3aS,4E,7aR)-7a-methyl-4-[2-[(3R,5R)-4-methylidene-3,5-bis(oxidanyl)cyclohexylidene]ethylidene]-2,3,3a,5,6,7-hexahydro-1H-inden-1-yl]oct-4,6-diene-3-one
4 non-polymer (E,2S)-2-[(1R,3aS,4E,7aR)-7a-methyl-4-[2-[(3R,5R)-4-methylidene-3,5-bis(oxidanyl)cyclohexylidene]ethylidene]-2,3,3a,5,6,7-hexahydro-1H-inden-1-yl]oct-6-en-4-yn-3-one
5 water water
#
loop_
_entity_poly.entity_id
_entity_poly.type
_entity_poly.pdbx_seq_one_letter_code
_entity_poly.pdbx_strand_id
1 'polypeptide(L)'
;GSHMGSPNSPLKDSLRPKLSEEQQHIIAILLDAHHKTYDPTYADFRDFRPPVRMDGSTGSVTLDLSPLSMLPHLADLVSY
SIQKVIGFAKMIPGFRDLTSDDQIVLLKSSAIEVIMLRSNQSFTMDDMSWDCGSQDYKYDVTDVSKAGHTLELIEPLIKF
QVGLKKLNLHEEEHVLLMAICIVSPDRPGVQDAKLVEAIQDRLSNTLQTYIRCRHPPPGSHQLYAKMIQKLADLRSLNEE
HSKQYRSLSFQPENSMKLTPLVLEVFGNEIS
;
A
2 'polypeptide(L)' KNHPMLMNLLKDN C
#
loop_
_chem_comp.id
_chem_comp.type
_chem_comp.name
_chem_comp.formula
9KX non-polymer (2S)-2-[(1R,3aS,4E,7aR)-7a-methyl-4-[2-[(3R,5R)-4-methylidene-3,5-bis(oxidanyl)cyclohexylidene]ethylidene]-2,3,3a,5,6,7-hexahydro-1H-inden-1-yl]oct-4,6-diene-3-one 'C27 H38 O3'
9N9 non-polymer (E,2S)-2-[(1R,3aS,4E,7aR)-7a-methyl-4-[2-[(3R,5R)-4-methylidene-3,5-bis(oxidanyl)cyclohexylidene]ethylidene]-2,3,3a,5,6,7-hexahydro-1H-inden-1-yl]oct-6-en-4-yn-3-one 'C27 H36 O3'
#
# COMPACT_ATOMS: atom_id res chain seq x y z
N LYS A 18 1.59 -13.64 26.36
CA LYS A 18 0.13 -13.93 26.03
C LYS A 18 -0.41 -12.86 25.11
N LEU A 19 -1.30 -13.25 24.19
CA LEU A 19 -1.95 -12.28 23.35
C LEU A 19 -3.25 -11.76 24.01
N SER A 20 -3.35 -10.45 24.19
CA SER A 20 -4.44 -9.81 24.95
C SER A 20 -5.76 -9.73 24.15
N GLU A 21 -6.85 -9.44 24.84
CA GLU A 21 -8.17 -9.38 24.20
C GLU A 21 -8.29 -8.17 23.28
N GLU A 22 -7.75 -7.04 23.72
CA GLU A 22 -7.67 -5.85 22.86
C GLU A 22 -6.82 -6.11 21.60
N GLN A 23 -5.72 -6.83 21.77
CA GLN A 23 -4.85 -7.17 20.64
C GLN A 23 -5.54 -8.14 19.69
N GLN A 24 -6.31 -9.07 20.24
CA GLN A 24 -7.09 -10.00 19.41
C GLN A 24 -8.20 -9.25 18.65
N HIS A 25 -8.76 -8.27 19.32
CA HIS A 25 -9.74 -7.40 18.73
C HIS A 25 -9.16 -6.61 17.54
N ILE A 26 -7.96 -6.09 17.70
CA ILE A 26 -7.32 -5.29 16.67
C ILE A 26 -7.08 -6.16 15.41
N ILE A 27 -6.67 -7.41 15.60
CA ILE A 27 -6.43 -8.33 14.49
C ILE A 27 -7.68 -8.69 13.72
N ALA A 28 -8.76 -8.96 14.44
CA ALA A 28 -10.05 -9.21 13.87
C ALA A 28 -10.55 -8.04 13.04
N ILE A 29 -10.38 -6.81 13.59
CA ILE A 29 -10.79 -5.60 12.88
C ILE A 29 -10.00 -5.41 11.56
N LEU A 30 -8.68 -5.58 11.64
CA LEU A 30 -7.80 -5.42 10.45
C LEU A 30 -8.02 -6.45 9.33
N LEU A 31 -8.22 -7.71 9.72
CA LEU A 31 -8.49 -8.78 8.79
C LEU A 31 -9.82 -8.56 8.05
N ASP A 32 -10.84 -8.18 8.79
CA ASP A 32 -12.12 -7.86 8.19
C ASP A 32 -12.10 -6.58 7.29
N ALA A 33 -11.43 -5.54 7.76
CA ALA A 33 -11.29 -4.33 6.97
C ALA A 33 -10.61 -4.62 5.62
N HIS A 34 -9.62 -5.49 5.65
CA HIS A 34 -8.90 -5.90 4.44
C HIS A 34 -9.77 -6.73 3.49
N HIS A 35 -10.54 -7.65 4.03
CA HIS A 35 -11.49 -8.46 3.21
C HIS A 35 -12.51 -7.58 2.49
N LYS A 36 -12.97 -6.54 3.19
CA LYS A 36 -13.89 -5.50 2.66
C LYS A 36 -13.26 -4.62 1.61
N THR A 37 -11.98 -4.28 1.78
CA THR A 37 -11.24 -3.44 0.82
C THR A 37 -10.39 -4.19 -0.20
N TYR A 38 -10.31 -5.51 -0.06
CA TYR A 38 -9.50 -6.25 -1.05
C TYR A 38 -10.28 -7.42 -1.58
N ASP A 39 -10.54 -7.37 -2.90
CA ASP A 39 -11.28 -8.39 -3.59
C ASP A 39 -10.31 -9.26 -4.40
N PRO A 40 -10.22 -10.54 -4.04
CA PRO A 40 -9.24 -11.40 -4.74
C PRO A 40 -9.75 -11.71 -6.16
N THR A 41 -11.05 -11.64 -6.38
CA THR A 41 -11.61 -11.73 -7.74
C THR A 41 -11.12 -10.66 -8.71
N TYR A 42 -10.88 -9.44 -8.21
CA TYR A 42 -10.51 -8.30 -9.05
C TYR A 42 -11.58 -7.97 -10.07
N ALA A 43 -12.85 -8.15 -9.70
CA ALA A 43 -13.96 -8.01 -10.64
C ALA A 43 -14.06 -6.57 -11.22
N ASP A 44 -13.73 -5.59 -10.39
CA ASP A 44 -13.84 -4.19 -10.78
C ASP A 44 -12.87 -3.81 -11.88
N PHE A 45 -11.85 -4.64 -12.08
CA PHE A 45 -10.79 -4.28 -13.02
C PHE A 45 -11.36 -3.93 -14.39
N ARG A 46 -12.49 -4.54 -14.72
CA ARG A 46 -13.15 -4.31 -15.99
C ARG A 46 -13.56 -2.83 -16.14
N ASP A 47 -13.90 -2.21 -15.04
CA ASP A 47 -14.27 -0.79 -15.07
C ASP A 47 -13.15 0.11 -15.60
N PHE A 48 -11.90 -0.33 -15.47
CA PHE A 48 -10.76 0.48 -15.90
C PHE A 48 -10.63 0.61 -17.39
N ARG A 49 -10.03 1.70 -17.86
CA ARG A 49 -9.65 1.79 -19.27
C ARG A 49 -8.83 0.58 -19.73
N PRO A 50 -9.14 0.04 -20.90
CA PRO A 50 -8.57 -1.25 -21.31
C PRO A 50 -7.02 -1.21 -21.43
N PRO A 51 -6.31 -2.27 -20.95
CA PRO A 51 -4.85 -2.15 -21.14
C PRO A 51 -4.40 -2.38 -22.57
N VAL A 52 -3.28 -1.75 -22.95
CA VAL A 52 -2.73 -1.90 -24.30
C VAL A 52 -1.30 -2.46 -24.24
N ARG A 53 -1.09 -3.55 -24.96
CA ARG A 53 0.23 -4.18 -25.10
C ARG A 53 0.42 -4.42 -26.60
N LEU A 68 3.74 4.42 -23.99
CA LEU A 68 2.90 4.52 -22.79
C LEU A 68 1.53 3.87 -22.97
N SER A 69 1.54 2.69 -23.55
CA SER A 69 0.34 1.95 -23.89
C SER A 69 -0.43 1.52 -22.64
N MET A 70 0.29 1.09 -21.63
CA MET A 70 -0.29 0.68 -20.33
C MET A 70 -0.88 1.79 -19.46
N LEU A 71 -0.40 3.01 -19.61
CA LEU A 71 -0.58 4.07 -18.63
C LEU A 71 -2.05 4.39 -18.25
N PRO A 72 -2.93 4.44 -19.25
CA PRO A 72 -4.36 4.62 -18.93
C PRO A 72 -4.95 3.53 -18.01
N HIS A 73 -4.64 2.27 -18.33
CA HIS A 73 -5.09 1.15 -17.56
C HIS A 73 -4.49 1.08 -16.16
N LEU A 74 -3.19 1.28 -16.08
CA LEU A 74 -2.50 1.22 -14.78
C LEU A 74 -2.75 2.44 -13.90
N ALA A 75 -2.86 3.64 -14.48
CA ALA A 75 -3.29 4.81 -13.68
C ALA A 75 -4.63 4.59 -12.96
N ASP A 76 -5.57 3.96 -13.67
CA ASP A 76 -6.89 3.63 -13.17
C ASP A 76 -6.83 2.62 -12.05
N LEU A 77 -5.94 1.64 -12.19
CA LEU A 77 -5.77 0.62 -11.16
C LEU A 77 -5.22 1.24 -9.88
N VAL A 78 -4.23 2.12 -10.03
CA VAL A 78 -3.68 2.86 -8.88
C VAL A 78 -4.75 3.74 -8.23
N SER A 79 -5.54 4.43 -9.04
CA SER A 79 -6.60 5.30 -8.54
C SER A 79 -7.65 4.50 -7.75
N TYR A 80 -8.06 3.37 -8.29
CA TYR A 80 -8.86 2.39 -7.59
C TYR A 80 -8.22 1.87 -6.29
N SER A 81 -6.95 1.53 -6.37
CA SER A 81 -6.16 1.05 -5.22
C SER A 81 -6.04 2.09 -4.12
N ILE A 82 -5.87 3.36 -4.49
CA ILE A 82 -5.87 4.43 -3.53
C ILE A 82 -7.19 4.48 -2.70
N GLN A 83 -8.30 4.33 -3.39
CA GLN A 83 -9.63 4.38 -2.76
C GLN A 83 -9.79 3.22 -1.78
N LYS A 84 -9.29 2.04 -2.17
CA LYS A 84 -9.37 0.85 -1.35
C LYS A 84 -8.48 0.99 -0.13
N VAL A 85 -7.33 1.59 -0.32
CA VAL A 85 -6.42 1.83 0.79
C VAL A 85 -7.00 2.77 1.82
N ILE A 86 -7.62 3.83 1.35
CA ILE A 86 -8.34 4.77 2.22
C ILE A 86 -9.44 4.06 3.03
N GLY A 87 -10.23 3.22 2.38
CA GLY A 87 -11.28 2.45 3.09
C GLY A 87 -10.70 1.53 4.17
N PHE A 88 -9.56 0.89 3.87
CA PHE A 88 -8.82 0.15 4.91
C PHE A 88 -8.29 1.01 6.06
N ALA A 89 -7.76 2.16 5.71
CA ALA A 89 -7.18 3.05 6.72
C ALA A 89 -8.21 3.52 7.75
N LYS A 90 -9.43 3.80 7.30
CA LYS A 90 -10.51 4.28 8.19
C LYS A 90 -10.88 3.27 9.30
N MET A 91 -10.81 2.00 8.92
CA MET A 91 -11.09 0.90 9.80
C MET A 91 -10.01 0.77 10.88
N ILE A 92 -8.82 1.33 10.75
CA ILE A 92 -7.71 0.96 11.69
C ILE A 92 -8.02 1.55 13.03
N PRO A 93 -7.90 0.78 14.11
CA PRO A 93 -8.32 1.33 15.40
C PRO A 93 -7.45 2.49 15.83
N GLY A 94 -8.06 3.57 16.30
CA GLY A 94 -7.31 4.76 16.67
C GLY A 94 -7.05 5.70 15.51
N PHE A 95 -7.42 5.32 14.29
CA PHE A 95 -7.15 6.20 13.11
C PHE A 95 -8.13 7.35 13.11
N ARG A 96 -9.38 7.08 13.47
CA ARG A 96 -10.44 8.12 13.55
C ARG A 96 -10.11 9.26 14.54
N ASP A 97 -9.42 8.92 15.63
CA ASP A 97 -9.08 9.90 16.66
C ASP A 97 -8.23 11.00 16.09
N LEU A 98 -7.43 10.70 15.08
CA LEU A 98 -6.55 11.68 14.46
C LEU A 98 -7.32 12.81 13.76
N THR A 99 -6.76 14.02 13.76
CA THR A 99 -7.35 15.13 12.99
C THR A 99 -7.33 14.79 11.51
N SER A 100 -8.34 15.29 10.79
CA SER A 100 -8.49 14.95 9.39
C SER A 100 -7.22 15.29 8.62
N ASP A 101 -6.59 16.39 8.99
CA ASP A 101 -5.36 16.85 8.37
C ASP A 101 -4.24 15.83 8.53
N ASP A 102 -4.18 15.26 9.72
CA ASP A 102 -3.23 14.20 10.00
C ASP A 102 -3.62 12.93 9.24
N GLN A 103 -4.94 12.70 9.11
CA GLN A 103 -5.40 11.60 8.25
C GLN A 103 -4.95 11.78 6.80
N ILE A 104 -5.05 13.00 6.31
CA ILE A 104 -4.68 13.33 4.95
C ILE A 104 -3.19 13.17 4.67
N VAL A 105 -2.37 13.59 5.61
CA VAL A 105 -0.92 13.56 5.45
C VAL A 105 -0.42 12.13 5.42
N LEU A 106 -0.95 11.28 6.33
CA LEU A 106 -0.59 9.85 6.38
C LEU A 106 -0.95 9.10 5.14
N LEU A 107 -2.14 9.35 4.60
CA LEU A 107 -2.64 8.67 3.40
C LEU A 107 -1.91 9.04 2.13
N LYS A 108 -1.61 10.32 2.01
CA LYS A 108 -0.87 10.81 0.82
C LYS A 108 0.57 10.23 0.69
N SER A 109 1.27 10.20 1.80
CA SER A 109 2.61 9.71 1.91
C SER A 109 2.68 8.17 1.87
N SER A 110 1.71 7.49 2.44
CA SER A 110 1.73 6.00 2.47
C SER A 110 1.05 5.28 1.33
N ALA A 111 0.34 6.02 0.48
CA ALA A 111 -0.58 5.39 -0.46
C ALA A 111 0.16 4.44 -1.41
N ILE A 112 1.24 4.89 -2.05
CA ILE A 112 1.98 4.07 -2.98
C ILE A 112 2.62 2.85 -2.24
N GLU A 113 3.13 3.07 -1.04
CA GLU A 113 3.70 2.05 -0.22
C GLU A 113 2.74 0.97 0.16
N VAL A 114 1.53 1.36 0.60
CA VAL A 114 0.47 0.39 0.88
C VAL A 114 0.02 -0.35 -0.38
N ILE A 115 -0.11 0.36 -1.46
CA ILE A 115 -0.48 -0.27 -2.71
C ILE A 115 0.60 -1.33 -3.13
N MET A 116 1.87 -0.99 -2.96
CA MET A 116 2.95 -1.96 -3.20
C MET A 116 2.91 -3.12 -2.25
N LEU A 117 2.72 -2.88 -0.96
CA LEU A 117 2.44 -3.99 0.02
C LEU A 117 1.19 -4.91 -0.27
N ARG A 118 0.09 -4.26 -0.61
CA ARG A 118 -1.15 -4.96 -0.97
C ARG A 118 -0.93 -5.78 -2.23
N SER A 119 -0.20 -5.22 -3.18
CA SER A 119 0.02 -5.89 -4.44
C SER A 119 0.64 -7.28 -4.24
N ASN A 120 1.36 -7.49 -3.14
CA ASN A 120 2.04 -8.74 -2.93
C ASN A 120 1.11 -9.91 -3.10
N GLN A 121 -0.16 -9.68 -2.77
CA GLN A 121 -1.15 -10.72 -2.82
C GLN A 121 -1.37 -11.25 -4.25
N SER A 122 -1.44 -10.35 -5.20
CA SER A 122 -1.50 -10.70 -6.63
C SER A 122 -0.12 -11.16 -7.16
N PHE A 123 0.96 -10.63 -6.61
CA PHE A 123 2.31 -10.90 -7.14
C PHE A 123 2.66 -12.37 -7.03
N THR A 124 3.18 -12.92 -8.12
CA THR A 124 3.53 -14.30 -8.20
C THR A 124 5.01 -14.50 -8.56
N MET A 125 5.67 -15.32 -7.76
CA MET A 125 7.07 -15.62 -7.95
C MET A 125 7.27 -16.36 -9.29
N ASP A 126 6.31 -17.21 -9.64
CA ASP A 126 6.43 -18.08 -10.81
C ASP A 126 6.83 -17.35 -12.08
N ASP A 127 6.22 -16.21 -12.35
CA ASP A 127 6.49 -15.42 -13.57
C ASP A 127 7.09 -14.02 -13.24
N MET A 128 7.38 -13.76 -11.96
CA MET A 128 7.77 -12.40 -11.52
C MET A 128 6.80 -11.32 -11.98
N SER A 129 5.52 -11.59 -11.80
CA SER A 129 4.47 -10.67 -12.28
C SER A 129 3.27 -10.68 -11.33
N TRP A 130 2.48 -9.61 -11.41
CA TRP A 130 1.24 -9.56 -10.64
C TRP A 130 0.14 -10.21 -11.44
N ASP A 131 -0.48 -11.23 -10.88
CA ASP A 131 -1.56 -11.94 -11.55
C ASP A 131 -2.88 -11.56 -10.91
N CYS A 132 -3.79 -11.05 -11.72
CA CYS A 132 -5.09 -10.61 -11.21
C CYS A 132 -6.24 -11.53 -11.58
N GLY A 133 -5.93 -12.70 -12.16
CA GLY A 133 -6.99 -13.67 -12.47
C GLY A 133 -7.16 -13.93 -13.96
N SER A 134 -6.65 -13.04 -14.80
CA SER A 134 -6.83 -13.09 -16.24
C SER A 134 -5.57 -12.62 -16.94
N GLN A 135 -5.36 -13.05 -18.18
CA GLN A 135 -4.16 -12.66 -18.92
C GLN A 135 -4.06 -11.14 -19.13
N ASP A 136 -5.21 -10.55 -19.43
CA ASP A 136 -5.32 -9.12 -19.67
C ASP A 136 -4.96 -8.35 -18.41
N TYR A 137 -5.39 -8.85 -17.25
CA TYR A 137 -5.10 -8.20 -15.97
C TYR A 137 -3.81 -8.69 -15.29
N LYS A 138 -3.06 -9.55 -15.94
CA LYS A 138 -1.78 -10.01 -15.41
C LYS A 138 -0.69 -9.03 -15.84
N TYR A 139 0.08 -8.53 -14.87
CA TYR A 139 1.03 -7.44 -15.11
C TYR A 139 2.49 -7.85 -14.93
N ASP A 140 3.30 -7.41 -15.89
CA ASP A 140 4.71 -7.78 -16.00
C ASP A 140 5.60 -6.55 -16.22
N VAL A 141 6.89 -6.71 -15.94
CA VAL A 141 7.82 -5.60 -15.88
C VAL A 141 7.69 -4.73 -17.14
N THR A 142 7.51 -5.39 -18.28
CA THR A 142 7.32 -4.67 -19.54
C THR A 142 6.07 -3.81 -19.47
N ASP A 143 5.01 -4.35 -18.87
CA ASP A 143 3.76 -3.60 -18.72
C ASP A 143 3.91 -2.38 -17.82
N VAL A 144 4.65 -2.55 -16.72
CA VAL A 144 4.91 -1.44 -15.77
C VAL A 144 5.82 -0.42 -16.46
N SER A 145 6.78 -0.94 -17.21
CA SER A 145 7.61 -0.11 -18.06
C SER A 145 6.78 0.59 -19.12
N LYS A 146 5.81 -0.13 -19.66
CA LYS A 146 4.98 0.39 -20.73
C LYS A 146 4.28 1.67 -20.29
N ALA A 147 4.10 1.89 -19.00
CA ALA A 147 3.43 3.07 -18.51
C ALA A 147 4.28 3.96 -17.61
N GLY A 148 5.39 4.44 -18.16
CA GLY A 148 6.13 5.59 -17.60
C GLY A 148 7.11 5.34 -16.45
N HIS A 149 7.40 4.06 -16.18
CA HIS A 149 8.36 3.76 -15.12
C HIS A 149 9.69 3.15 -15.57
N THR A 150 10.79 3.72 -15.09
CA THR A 150 12.15 3.19 -15.33
C THR A 150 12.46 1.95 -14.49
N LEU A 151 13.44 1.17 -14.94
CA LEU A 151 13.91 0.00 -14.22
C LEU A 151 14.44 0.38 -12.82
N GLU A 152 14.91 1.61 -12.71
CA GLU A 152 15.46 2.15 -11.49
C GLU A 152 14.51 1.99 -10.32
N LEU A 153 13.24 2.28 -10.61
CA LEU A 153 12.10 1.91 -9.79
C LEU A 153 11.70 0.44 -9.87
N ILE A 154 11.63 -0.11 -11.06
CA ILE A 154 11.04 -1.44 -11.27
C ILE A 154 11.88 -2.62 -10.76
N GLU A 155 13.20 -2.54 -10.96
CA GLU A 155 14.12 -3.57 -10.48
C GLU A 155 14.16 -3.70 -8.96
N PRO A 156 14.17 -2.59 -8.25
CA PRO A 156 14.12 -2.61 -6.78
C PRO A 156 12.71 -3.05 -6.24
N LEU A 157 11.65 -2.65 -6.93
CA LEU A 157 10.29 -3.08 -6.65
C LEU A 157 10.05 -4.58 -6.77
N ILE A 158 10.54 -5.18 -7.84
CA ILE A 158 10.46 -6.64 -8.01
C ILE A 158 11.25 -7.34 -6.92
N LYS A 159 12.44 -6.82 -6.59
CA LYS A 159 13.20 -7.39 -5.45
C LYS A 159 12.40 -7.37 -4.11
N PHE A 160 11.69 -6.28 -3.90
CA PHE A 160 10.85 -6.09 -2.74
C PHE A 160 9.72 -7.10 -2.67
N GLN A 161 9.07 -7.34 -3.80
CA GLN A 161 7.95 -8.30 -3.83
C GLN A 161 8.43 -9.73 -3.58
N VAL A 162 9.59 -10.08 -4.12
CA VAL A 162 10.22 -11.38 -3.87
C VAL A 162 10.59 -11.56 -2.39
N GLY A 163 11.19 -10.54 -1.80
CA GLY A 163 11.62 -10.59 -0.43
C GLY A 163 10.46 -10.61 0.56
N LEU A 164 9.46 -9.79 0.30
CA LEU A 164 8.19 -9.86 1.04
C LEU A 164 7.46 -11.20 0.88
N LYS A 165 7.40 -11.74 -0.34
CA LYS A 165 6.79 -13.06 -0.56
C LYS A 165 7.51 -14.17 0.21
N LYS A 166 8.83 -14.10 0.24
CA LYS A 166 9.63 -15.08 0.99
C LYS A 166 9.24 -15.12 2.47
N LEU A 167 8.82 -13.98 3.03
CA LEU A 167 8.44 -13.91 4.41
C LEU A 167 7.28 -14.84 4.73
N ASN A 168 6.43 -15.12 3.74
CA ASN A 168 5.31 -16.05 3.92
C ASN A 168 4.42 -15.67 5.10
N LEU A 169 4.05 -14.39 5.13
CA LEU A 169 3.39 -13.82 6.30
C LEU A 169 2.01 -14.40 6.49
N HIS A 170 1.57 -14.55 7.74
CA HIS A 170 0.15 -14.82 8.03
C HIS A 170 -0.70 -13.61 7.59
N GLU A 171 -1.94 -13.82 7.20
CA GLU A 171 -2.73 -12.70 6.72
C GLU A 171 -2.77 -11.60 7.78
N GLU A 172 -2.80 -12.05 9.03
CA GLU A 172 -2.82 -11.17 10.18
C GLU A 172 -1.59 -10.25 10.22
N GLU A 173 -0.46 -10.84 9.88
CA GLU A 173 0.80 -10.11 9.77
C GLU A 173 0.83 -9.12 8.63
N HIS A 174 0.33 -9.56 7.47
CA HIS A 174 0.25 -8.71 6.30
C HIS A 174 -0.66 -7.50 6.53
N VAL A 175 -1.81 -7.74 7.16
CA VAL A 175 -2.75 -6.66 7.46
C VAL A 175 -2.16 -5.67 8.46
N LEU A 176 -1.49 -6.19 9.48
CA LEU A 176 -0.87 -5.36 10.49
C LEU A 176 0.23 -4.46 9.91
N LEU A 177 1.02 -5.02 9.01
CA LEU A 177 2.10 -4.29 8.36
C LEU A 177 1.58 -3.11 7.57
N MET A 178 0.48 -3.32 6.85
CA MET A 178 -0.15 -2.26 6.06
C MET A 178 -0.63 -1.13 6.96
N ALA A 179 -1.20 -1.51 8.10
CA ALA A 179 -1.73 -0.54 9.06
C ALA A 179 -0.60 0.25 9.71
N ILE A 180 0.47 -0.46 10.09
CA ILE A 180 1.64 0.15 10.71
C ILE A 180 2.27 1.10 9.76
N CYS A 181 2.38 0.67 8.48
CA CYS A 181 2.89 1.54 7.41
C CYS A 181 2.07 2.82 7.23
N ILE A 182 0.75 2.73 7.28
CA ILE A 182 -0.10 3.92 7.13
C ILE A 182 0.08 4.90 8.31
N VAL A 183 0.13 4.37 9.51
CA VAL A 183 0.26 5.21 10.70
C VAL A 183 1.70 5.27 11.12
N SER A 184 2.40 6.24 10.55
CA SER A 184 3.82 6.43 10.76
C SER A 184 4.01 7.78 11.32
N PRO A 185 4.68 7.87 12.48
CA PRO A 185 4.90 9.14 13.12
C PRO A 185 5.74 10.10 12.28
N ASP A 186 6.70 9.59 11.52
CA ASP A 186 7.76 10.43 10.93
C ASP A 186 7.40 11.07 9.65
N ARG A 187 6.25 10.74 9.09
CA ARG A 187 5.90 11.29 7.77
C ARG A 187 5.92 12.83 7.77
N PRO A 188 6.46 13.42 6.70
CA PRO A 188 6.57 14.89 6.74
C PRO A 188 5.18 15.57 6.72
N GLY A 189 5.03 16.62 7.51
CA GLY A 189 3.76 17.30 7.62
C GLY A 189 2.92 16.85 8.78
N VAL A 190 3.38 15.87 9.57
CA VAL A 190 2.55 15.35 10.65
C VAL A 190 2.43 16.39 11.77
N GLN A 191 1.21 16.72 12.14
CA GLN A 191 0.90 17.60 13.27
C GLN A 191 1.07 16.98 14.65
N ASP A 192 0.54 15.79 14.83
CA ASP A 192 0.43 15.17 16.16
C ASP A 192 1.08 13.77 16.16
N ALA A 193 2.39 13.78 16.09
CA ALA A 193 3.21 12.58 16.09
C ALA A 193 3.01 11.79 17.36
N LYS A 194 2.87 12.48 18.50
CA LYS A 194 2.72 11.81 19.78
C LYS A 194 1.54 10.82 19.74
N LEU A 195 0.40 11.31 19.23
CA LEU A 195 -0.77 10.47 18.99
C LEU A 195 -0.57 9.41 17.89
N VAL A 196 0.01 9.82 16.78
CA VAL A 196 0.27 8.93 15.69
C VAL A 196 1.24 7.77 16.10
N GLU A 197 2.29 8.09 16.86
CA GLU A 197 3.16 7.05 17.44
C GLU A 197 2.47 6.12 18.44
N ALA A 198 1.59 6.68 19.25
CA ALA A 198 0.84 5.89 20.23
C ALA A 198 -0.10 4.88 19.53
N ILE A 199 -0.72 5.33 18.43
CA ILE A 199 -1.53 4.42 17.64
C ILE A 199 -0.67 3.36 16.95
N GLN A 200 0.45 3.77 16.37
CA GLN A 200 1.38 2.84 15.75
C GLN A 200 1.94 1.84 16.76
N ASP A 201 2.28 2.30 17.96
CA ASP A 201 2.90 1.44 18.94
C ASP A 201 1.99 0.28 19.32
N ARG A 202 0.69 0.56 19.44
CA ARG A 202 -0.29 -0.48 19.77
C ARG A 202 -0.34 -1.54 18.67
N LEU A 203 -0.29 -1.09 17.42
CA LEU A 203 -0.27 -1.98 16.27
C LEU A 203 1.02 -2.81 16.21
N SER A 204 2.14 -2.16 16.50
CA SER A 204 3.45 -2.83 16.46
C SER A 204 3.60 -3.84 17.62
N ASN A 205 3.11 -3.47 18.81
CA ASN A 205 3.07 -4.41 19.95
C ASN A 205 2.20 -5.61 19.68
N THR A 206 1.12 -5.39 18.97
CA THR A 206 0.22 -6.46 18.59
C THR A 206 0.88 -7.41 17.62
N LEU A 207 1.57 -6.84 16.64
CA LEU A 207 2.36 -7.65 15.70
C LEU A 207 3.53 -8.43 16.34
N GLN A 208 4.31 -7.76 17.19
CA GLN A 208 5.37 -8.42 17.93
C GLN A 208 4.87 -9.57 18.80
N THR A 209 3.79 -9.34 19.55
CA THR A 209 3.17 -10.35 20.39
C THR A 209 2.56 -11.47 19.56
N TYR A 210 1.91 -11.13 18.43
CA TYR A 210 1.33 -12.15 17.55
C TYR A 210 2.36 -13.11 16.96
N ILE A 211 3.53 -12.58 16.55
CA ILE A 211 4.61 -13.40 15.98
C ILE A 211 5.11 -14.41 16.99
N ARG A 212 5.37 -13.94 18.21
CA ARG A 212 5.81 -14.79 19.35
C ARG A 212 4.78 -15.85 19.77
N CYS A 213 3.53 -15.43 19.95
CA CYS A 213 2.43 -16.35 20.35
C CYS A 213 1.85 -17.23 19.24
N ARG A 214 1.64 -16.71 18.05
CA ARG A 214 1.03 -17.50 16.99
C ARG A 214 1.94 -17.82 15.81
N HIS A 215 3.19 -17.38 15.81
CA HIS A 215 4.10 -17.72 14.68
C HIS A 215 5.22 -18.70 15.07
N PRO A 216 5.22 -19.87 14.44
CA PRO A 216 6.13 -20.95 14.84
C PRO A 216 7.49 -20.87 14.13
N PRO A 217 8.59 -21.17 14.85
CA PRO A 217 9.91 -21.21 14.19
C PRO A 217 9.94 -22.33 13.13
N PRO A 218 10.81 -22.23 12.11
CA PRO A 218 11.79 -21.15 11.97
C PRO A 218 11.21 -19.86 11.41
N GLY A 219 10.08 -19.92 10.70
CA GLY A 219 9.55 -18.74 10.02
C GLY A 219 9.60 -17.51 10.92
N SER A 220 9.37 -17.73 12.19
CA SER A 220 9.33 -16.65 13.15
C SER A 220 10.65 -15.89 13.23
N HIS A 221 11.73 -16.59 13.00
CA HIS A 221 13.08 -16.06 13.21
C HIS A 221 13.30 -14.69 12.56
N GLN A 222 13.63 -13.72 13.41
CA GLN A 222 13.92 -12.36 13.01
C GLN A 222 12.80 -11.82 12.12
N LEU A 223 11.56 -12.28 12.38
CA LEU A 223 10.41 -11.95 11.50
C LEU A 223 9.96 -10.49 11.64
N TYR A 224 9.94 -9.98 12.85
CA TYR A 224 9.56 -8.58 13.10
C TYR A 224 10.53 -7.55 12.54
N ALA A 225 11.82 -7.81 12.74
CA ALA A 225 12.88 -6.94 12.24
C ALA A 225 12.89 -6.95 10.71
N LYS A 226 12.68 -8.11 10.11
CA LYS A 226 12.56 -8.21 8.66
C LYS A 226 11.36 -7.48 8.11
N MET A 227 10.26 -7.51 8.82
CA MET A 227 9.07 -6.76 8.39
C MET A 227 9.27 -5.24 8.48
N ILE A 228 9.94 -4.81 9.52
CA ILE A 228 10.30 -3.40 9.67
C ILE A 228 11.30 -2.98 8.58
N GLN A 229 12.21 -3.86 8.21
CA GLN A 229 13.13 -3.57 7.15
C GLN A 229 12.40 -3.33 5.86
N LYS A 230 11.34 -4.07 5.63
CA LYS A 230 10.47 -3.86 4.45
C LYS A 230 9.85 -2.47 4.39
N LEU A 231 9.55 -1.92 5.54
CA LEU A 231 9.08 -0.53 5.65
C LEU A 231 10.14 0.45 5.20
N ALA A 232 11.39 0.17 5.55
CA ALA A 232 12.50 0.97 5.07
C ALA A 232 12.65 0.83 3.56
N ASP A 233 12.50 -0.39 3.04
CA ASP A 233 12.54 -0.57 1.59
C ASP A 233 11.43 0.24 0.89
N LEU A 234 10.25 0.27 1.51
CA LEU A 234 9.14 1.08 1.01
C LEU A 234 9.43 2.57 0.84
N ARG A 235 10.13 3.14 1.82
CA ARG A 235 10.47 4.59 1.84
C ARG A 235 11.30 4.94 0.63
N SER A 236 12.27 4.10 0.34
CA SER A 236 13.12 4.25 -0.81
C SER A 236 12.36 4.06 -2.10
N LEU A 237 11.49 3.07 -2.12
CA LEU A 237 10.64 2.84 -3.29
C LEU A 237 9.70 3.99 -3.53
N ASN A 238 9.21 4.54 -2.44
CA ASN A 238 8.34 5.71 -2.48
C ASN A 238 9.02 6.95 -3.07
N GLU A 239 10.24 7.20 -2.63
CA GLU A 239 11.05 8.29 -3.11
C GLU A 239 11.36 8.21 -4.62
N GLU A 240 11.64 7.01 -5.06
CA GLU A 240 11.97 6.80 -6.46
C GLU A 240 10.70 7.04 -7.29
N HIS A 241 9.59 6.53 -6.78
CA HIS A 241 8.26 6.78 -7.39
C HIS A 241 7.92 8.29 -7.52
N SER A 242 8.21 9.06 -6.47
CA SER A 242 7.98 10.49 -6.48
C SER A 242 8.70 11.19 -7.62
N LYS A 243 9.99 10.88 -7.77
CA LYS A 243 10.86 11.48 -8.83
C LYS A 243 10.39 11.02 -10.21
N GLN A 244 10.04 9.75 -10.37
CA GLN A 244 9.54 9.22 -11.66
C GLN A 244 8.17 9.74 -12.00
N TYR A 245 7.29 9.81 -11.02
CA TYR A 245 5.96 10.35 -11.25
C TYR A 245 6.06 11.80 -11.68
N ARG A 246 6.95 12.55 -11.05
CA ARG A 246 7.13 13.97 -11.35
C ARG A 246 7.59 14.18 -12.79
N SER A 247 8.52 13.33 -13.25
CA SER A 247 8.99 13.41 -14.63
C SER A 247 7.85 13.13 -15.59
N LEU A 248 7.07 12.10 -15.29
CA LEU A 248 5.88 11.79 -16.09
C LEU A 248 4.87 12.94 -15.99
N SER A 249 4.74 13.49 -14.78
CA SER A 249 3.79 14.56 -14.50
C SER A 249 4.07 15.82 -15.30
N PHE A 250 5.35 16.13 -15.50
CA PHE A 250 5.75 17.39 -16.11
C PHE A 250 5.20 17.54 -17.54
N GLN A 251 5.21 16.46 -18.31
CA GLN A 251 4.60 16.52 -19.64
C GLN A 251 3.07 16.64 -19.41
N PRO A 252 2.43 17.68 -19.96
CA PRO A 252 0.97 17.84 -19.83
C PRO A 252 0.10 16.74 -20.44
N GLU A 253 0.47 16.22 -21.61
CA GLU A 253 -0.24 15.12 -22.30
C GLU A 253 -0.27 13.84 -21.53
N ASN A 254 0.86 13.48 -20.92
CA ASN A 254 0.90 12.33 -20.02
C ASN A 254 0.04 12.53 -18.77
N SER A 255 0.08 13.71 -18.24
CA SER A 255 -0.74 14.05 -17.08
C SER A 255 -2.28 13.90 -17.36
N MET A 256 -2.70 14.15 -18.59
CA MET A 256 -4.09 13.98 -18.99
C MET A 256 -4.54 12.54 -18.86
N LYS A 257 -3.64 11.61 -19.07
CA LYS A 257 -3.96 10.20 -18.95
C LYS A 257 -4.41 9.78 -17.56
N LEU A 258 -3.99 10.50 -16.54
CA LEU A 258 -4.20 10.06 -15.15
C LEU A 258 -5.62 10.42 -14.69
N THR A 259 -6.02 9.84 -13.57
CA THR A 259 -7.30 10.17 -12.93
C THR A 259 -7.10 11.42 -12.05
N PRO A 260 -8.18 12.16 -11.77
CA PRO A 260 -8.02 13.31 -10.89
C PRO A 260 -7.59 12.93 -9.45
N LEU A 261 -8.03 11.78 -8.94
CA LEU A 261 -7.64 11.35 -7.62
C LEU A 261 -6.12 11.04 -7.57
N VAL A 262 -5.60 10.43 -8.62
CA VAL A 262 -4.15 10.21 -8.74
C VAL A 262 -3.40 11.55 -8.73
N LEU A 263 -3.91 12.54 -9.44
CA LEU A 263 -3.26 13.87 -9.49
C LEU A 263 -3.23 14.55 -8.14
N GLU A 264 -4.31 14.43 -7.38
CA GLU A 264 -4.45 15.02 -6.05
C GLU A 264 -3.51 14.43 -5.00
N VAL A 265 -3.36 13.11 -5.02
CA VAL A 265 -2.52 12.42 -4.02
C VAL A 265 -1.01 12.35 -4.35
N PHE A 266 -0.66 11.72 -5.45
CA PHE A 266 0.75 11.55 -5.87
C PHE A 266 1.20 12.89 -6.46
N GLY A 267 0.31 13.51 -7.22
CA GLY A 267 0.58 14.87 -7.77
C GLY A 267 0.59 15.95 -6.71
N ASN A 268 -0.26 15.83 -5.66
CA ASN A 268 -0.23 16.77 -4.51
C ASN A 268 -0.95 18.07 -4.84
N LYS B 1 -5.39 20.67 2.63
CA LYS B 1 -5.25 21.98 1.90
C LYS B 1 -5.16 21.63 0.43
N ASN B 2 -6.19 22.00 -0.34
CA ASN B 2 -6.29 21.59 -1.74
C ASN B 2 -6.34 20.07 -1.89
N HIS B 3 -7.05 19.39 -0.97
CA HIS B 3 -7.27 17.92 -1.09
C HIS B 3 -8.72 17.59 -0.96
N PRO B 4 -9.53 18.07 -1.91
CA PRO B 4 -10.99 17.91 -1.83
C PRO B 4 -11.53 16.46 -1.83
N MET B 5 -11.04 15.65 -2.77
CA MET B 5 -11.49 14.25 -2.98
C MET B 5 -11.01 13.31 -1.87
N LEU B 6 -9.76 13.47 -1.48
CA LEU B 6 -9.16 12.65 -0.42
C LEU B 6 -9.84 12.89 0.94
N MET B 7 -10.14 14.15 1.21
CA MET B 7 -10.86 14.56 2.41
C MET B 7 -12.29 13.98 2.45
N ASN B 8 -12.96 13.98 1.31
CA ASN B 8 -14.31 13.45 1.20
C ASN B 8 -14.36 11.92 1.42
N LEU B 9 -13.35 11.21 0.89
CA LEU B 9 -13.26 9.76 1.07
C LEU B 9 -12.88 9.40 2.52
N LEU B 10 -12.10 10.24 3.14
CA LEU B 10 -11.70 10.07 4.54
C LEU B 10 -12.87 10.18 5.50
N LYS B 11 -13.79 11.07 5.23
CA LYS B 11 -14.99 11.23 6.06
C LYS B 11 -15.68 9.91 6.39
O1 9KX C . -3.94 -2.74 -5.15
C1 9KX C . -3.22 -3.86 -5.68
C2 9KX C . -4.18 -4.82 -6.34
C3 9KX C . -3.61 -5.99 -7.04
C4 9KX C . -2.79 -5.48 -8.21
C5 9KX C . -1.87 -4.32 -7.85
C6 9KX C . -0.76 -4.19 -8.61
C7 9KX C . 0.23 -3.12 -8.45
C8 9KX C . 1.20 -2.85 -9.37
C9 9KX C . -5.49 -4.63 -6.32
C10 9KX C . 2.18 -1.73 -9.25
C11 9KX C . 2.05 -0.68 -10.35
C12 9KX C . 2.30 -1.40 -11.66
C13 9KX C . 1.47 -2.68 -11.82
C14 9KX C . 1.49 -3.64 -10.62
C15 9KX C . 2.29 -1.02 -7.91
C16 9KX C . 2.92 0.32 -8.29
C17 9KX C . 3.15 0.25 -9.82
C18 9KX C . 0.65 -0.03 -10.42
C19 9KX C . 3.47 1.68 -10.38
C20 9KX C . 3.09 2.73 -9.35
O2 9KX C . 2.25 1.33 -12.41
C21 9KX C . 2.84 2.11 -11.67
C22 9KX C . 2.96 3.52 -12.07
C23 9KX C . 3.80 4.49 -11.61
C24 9KX C . 3.54 5.76 -12.30
C25 9KX C . 3.75 6.97 -11.82
C26 9KX C . 3.30 8.00 -12.81
O 9KX C . -2.83 -6.78 -6.14
C 9KX C . -2.19 -3.36 -6.71
C8 9N9 D . 1.18 -3.27 -9.22
C5 9N9 D . -2.04 -4.39 -7.79
C6 9N9 D . -0.94 -4.32 -8.59
C2 9N9 D . -4.34 -4.79 -6.32
C4 9N9 D . -2.14 -3.65 -6.47
O2 9N9 D . 4.99 2.00 -10.11
C20 9N9 D . 3.78 1.87 -10.10
C22 9N9 D . 3.09 2.23 -11.08
C23 9N9 D . 2.51 2.58 -12.03
C24 9N9 D . 1.93 3.04 -13.03
C25 9N9 D . 1.34 4.21 -12.92
C26 9N9 D . 0.63 4.80 -14.09
C18 9N9 D . 3.09 1.26 -8.91
C19 9N9 D . 1.66 1.73 -8.86
C16 9N9 D . 3.23 -0.26 -8.99
C15 9N9 D . 3.36 -0.78 -7.55
C14 9N9 D . 2.65 -2.10 -7.49
C9 9N9 D . 2.34 -2.38 -8.95
C10 9N9 D . 2.15 -1.09 -9.71
C17 9N9 D . 0.74 -0.51 -9.60
C11 9N9 D . 2.33 -1.47 -11.18
C12 9N9 D . 1.42 -2.63 -11.61
C13 9N9 D . 1.26 -3.81 -10.64
C7 9N9 D . 0.22 -3.49 -8.30
C 9N9 D . -3.13 -5.29 -8.29
C3 9N9 D . -3.35 -3.94 -5.58
O 9N9 D . -3.97 -2.70 -5.18
C21 9N9 D . -5.64 -4.54 -6.31
C1 9N9 D . -3.79 -5.94 -7.10
O1 9N9 D . -2.87 -6.68 -6.30
#